data_6A30
#
_entry.id   6A30
#
_cell.length_a   114.481
_cell.length_b   270.967
_cell.length_c   47.915
_cell.angle_alpha   90.000
_cell.angle_beta   90.000
_cell.angle_gamma   90.000
#
_symmetry.space_group_name_H-M   'P 21 21 2'
#
loop_
_entity.id
_entity.type
_entity.pdbx_description
1 polymer 'Protein unc-13 homolog A'
2 polymer 'Synaptobrevin-2 juxtamembrane linker peptide'
3 water water
#
loop_
_entity_poly.entity_id
_entity_poly.type
_entity_poly.pdbx_seq_one_letter_code
_entity_poly.pdbx_strand_id
1 'polypeptide(L)'
;ERFVKLLDQLHNSLRIDLSMYRNNFPASSPERLQDLKSTVDLLTSITFFRMKVQELQSPPRASQVVKDCVKACLNSTYEY
IFNNCHELYGREYQTDPAKKGEVPPEEQGPSIKNLDFWSKLITLIVSIIEEDKNSYTPCLNQFPQELNVGKISAEVMWSL
FAQDMKYAMEEHDKHRLCKSADYMNLHFKVKWLYNEYVAELPTFKDRVPEYPAWFEPFVIQWLDENEEVSRDFLHGALER
DKKDGFQQTSEHALFSCSVVDVFSQLNQSFEIIKKLECPDPQIVGHYMRRFAKTISNVLLQYADIVSKDFASYCSKEKEK
VPCILMNNTQQLRVQLEKMFEAMGGKELDAEASGTLKELQVKLNNVLDELSHVFATSFQPHIEECVRQMGDILSQVKGTG
NVPASACSSVAQDADNVLQPIMDLLDSNLTLFAKICEKTVLKRVLKELWKLVMNTMERTIVLPPEFSKLKDHMVREEAKS
LTPKQCAVVELALDTIKQYFHAGGVGLKKTFLEKSPDLQSLRYALSLYTQATDLLIK
;
A
2 'polypeptide(L)' KYWWKN P
#
# COMPACT_ATOMS: atom_id res chain seq x y z
N GLU A 1 33.16 69.16 13.85
CA GLU A 1 32.67 68.17 14.81
C GLU A 1 31.14 68.24 14.93
N ARG A 2 30.58 69.40 14.64
CA ARG A 2 29.14 69.60 14.66
C ARG A 2 28.55 69.15 13.34
N PHE A 3 29.45 68.93 12.37
CA PHE A 3 29.07 68.45 11.06
C PHE A 3 28.85 66.93 11.09
N VAL A 4 29.68 66.22 11.84
CA VAL A 4 29.59 64.76 11.91
C VAL A 4 28.30 64.31 12.60
N LYS A 5 27.79 65.16 13.48
CA LYS A 5 26.56 64.85 14.22
C LYS A 5 25.35 65.27 13.40
N LEU A 6 25.54 66.22 12.49
CA LEU A 6 24.48 66.69 11.62
C LEU A 6 24.25 65.62 10.56
N LEU A 7 25.31 64.91 10.20
CA LEU A 7 25.26 63.82 9.25
C LEU A 7 24.55 62.62 9.88
N ASP A 8 24.95 62.26 11.09
CA ASP A 8 24.32 61.17 11.83
C ASP A 8 22.82 61.39 11.98
N GLN A 9 22.44 62.63 12.25
CA GLN A 9 21.04 63.02 12.36
C GLN A 9 20.30 62.69 11.08
N LEU A 10 20.91 63.07 9.96
CA LEU A 10 20.31 62.86 8.65
C LEU A 10 20.25 61.37 8.29
N HIS A 11 21.36 60.67 8.52
CA HIS A 11 21.42 59.23 8.31
C HIS A 11 20.36 58.51 9.13
N ASN A 12 20.19 58.93 10.36
CA ASN A 12 19.21 58.32 11.25
C ASN A 12 17.78 58.63 10.81
N SER A 13 17.58 59.83 10.27
CA SER A 13 16.26 60.26 9.84
C SER A 13 15.76 59.45 8.65
N LEU A 14 16.68 59.14 7.74
CA LEU A 14 16.35 58.30 6.58
C LEU A 14 16.14 56.86 7.01
N ARG A 15 16.90 56.43 8.02
CA ARG A 15 16.72 55.11 8.61
C ARG A 15 15.28 54.96 9.14
N ILE A 16 14.79 55.99 9.82
CA ILE A 16 13.42 55.98 10.33
C ILE A 16 12.41 55.88 9.17
N ASP A 17 12.69 56.64 8.11
CA ASP A 17 11.81 56.69 6.92
C ASP A 17 11.69 55.32 6.25
N LEU A 18 12.82 54.69 5.99
CA LEU A 18 12.86 53.40 5.30
C LEU A 18 12.35 52.26 6.17
N SER A 19 12.47 52.40 7.49
CA SER A 19 12.04 51.35 8.41
C SER A 19 10.53 51.16 8.38
N MET A 20 9.85 52.05 7.66
CA MET A 20 8.43 51.93 7.39
C MET A 20 8.16 52.25 5.94
N TYR A 21 8.97 51.67 5.05
CA TYR A 21 8.92 52.02 3.63
C TYR A 21 7.57 51.73 3.00
N ARG A 22 6.99 50.58 3.33
CA ARG A 22 5.73 50.16 2.73
C ARG A 22 4.65 51.19 3.00
N ASN A 23 4.52 51.58 4.27
CA ASN A 23 3.50 52.55 4.65
C ASN A 23 3.81 53.95 4.11
N ASN A 24 5.08 54.33 4.16
CA ASN A 24 5.51 55.66 3.72
C ASN A 24 5.61 55.79 2.19
N PHE A 25 5.81 54.67 1.51
CA PHE A 25 5.94 54.68 0.06
C PHE A 25 5.09 53.59 -0.57
N PRO A 26 3.76 53.83 -0.63
CA PRO A 26 2.78 52.85 -1.09
C PRO A 26 3.05 52.36 -2.52
N ALA A 27 2.95 51.05 -2.73
CA ALA A 27 3.15 50.46 -4.05
C ALA A 27 2.17 51.01 -5.09
N SER A 28 1.04 51.56 -4.62
CA SER A 28 0.03 52.15 -5.49
C SER A 28 0.54 53.37 -6.26
N SER A 29 1.45 54.12 -5.64
CA SER A 29 1.93 55.36 -6.24
C SER A 29 3.31 55.23 -6.88
N PRO A 30 3.36 55.35 -8.22
CA PRO A 30 4.60 55.23 -9.00
C PRO A 30 5.59 56.31 -8.61
N GLU A 31 5.11 57.54 -8.48
CA GLU A 31 5.96 58.65 -8.09
C GLU A 31 6.47 58.49 -6.66
N ARG A 32 5.64 57.90 -5.81
CA ARG A 32 6.04 57.66 -4.43
C ARG A 32 7.11 56.56 -4.38
N LEU A 33 7.01 55.62 -5.31
CA LEU A 33 8.03 54.58 -5.44
C LEU A 33 9.34 55.22 -5.89
N GLN A 34 9.23 56.23 -6.75
CA GLN A 34 10.39 57.01 -7.17
C GLN A 34 11.06 57.70 -5.98
N ASP A 35 10.25 58.37 -5.16
CA ASP A 35 10.76 59.03 -3.95
C ASP A 35 11.51 58.04 -3.06
N LEU A 36 10.97 56.84 -2.92
CA LEU A 36 11.63 55.77 -2.17
C LEU A 36 13.02 55.46 -2.75
N LYS A 37 13.11 55.43 -4.08
CA LYS A 37 14.38 55.18 -4.74
C LYS A 37 15.36 56.33 -4.48
N SER A 38 14.87 57.56 -4.63
CA SER A 38 15.67 58.74 -4.31
C SER A 38 16.19 58.69 -2.87
N THR A 39 15.33 58.25 -1.96
CA THR A 39 15.67 58.19 -0.54
C THR A 39 16.81 57.22 -0.27
N VAL A 40 16.82 56.09 -0.97
CA VAL A 40 17.92 55.13 -0.85
C VAL A 40 19.18 55.70 -1.51
N ASP A 41 19.02 56.42 -2.61
CA ASP A 41 20.15 57.04 -3.28
C ASP A 41 20.85 58.02 -2.35
N LEU A 42 20.07 58.88 -1.70
CA LEU A 42 20.63 59.88 -0.80
C LEU A 42 21.38 59.22 0.35
N LEU A 43 20.83 58.12 0.86
CA LEU A 43 21.45 57.42 1.99
C LEU A 43 22.82 56.86 1.63
N THR A 44 22.91 56.23 0.45
CA THR A 44 24.18 55.64 0.00
C THR A 44 25.23 56.73 -0.20
N SER A 45 24.83 57.85 -0.77
CA SER A 45 25.73 58.97 -1.03
C SER A 45 26.35 59.51 0.26
N ILE A 46 25.51 59.64 1.29
CA ILE A 46 25.97 60.05 2.62
C ILE A 46 26.94 59.02 3.20
N THR A 47 26.60 57.75 3.02
CA THR A 47 27.44 56.65 3.48
C THR A 47 28.76 56.60 2.71
N PHE A 48 28.67 56.74 1.40
CA PHE A 48 29.85 56.75 0.54
C PHE A 48 30.79 57.90 0.93
N PHE A 49 30.20 59.04 1.25
CA PHE A 49 30.96 60.20 1.68
C PHE A 49 31.71 59.90 2.97
N ARG A 50 30.99 59.40 3.96
CA ARG A 50 31.58 59.08 5.27
C ARG A 50 32.69 58.04 5.16
N MET A 51 32.52 57.08 4.26
CA MET A 51 33.49 56.00 4.12
C MET A 51 34.78 56.47 3.43
N LYS A 52 34.65 57.45 2.53
CA LYS A 52 35.81 57.98 1.81
C LYS A 52 36.56 59.02 2.65
N VAL A 53 35.81 59.93 3.27
CA VAL A 53 36.41 61.02 4.05
C VAL A 53 36.69 60.60 5.50
N GLN A 54 35.65 60.49 6.31
CA GLN A 54 35.80 59.98 7.67
C GLN A 54 36.34 58.55 7.64
N GLU A 55 36.82 58.07 8.78
CA GLU A 55 37.29 56.69 8.88
C GLU A 55 36.78 56.05 10.16
N LEU A 56 35.46 56.13 10.37
CA LEU A 56 34.83 55.58 11.55
C LEU A 56 34.56 54.09 11.38
N GLN A 57 35.51 53.40 10.73
CA GLN A 57 35.44 51.94 10.53
C GLN A 57 34.25 51.51 9.65
N SER A 58 33.58 52.49 9.04
CA SER A 58 32.44 52.24 8.15
C SER A 58 31.28 51.52 8.83
N PRO A 59 30.23 52.26 9.19
CA PRO A 59 29.07 51.65 9.85
C PRO A 59 28.27 50.60 9.05
N PRO A 60 28.15 50.74 7.71
CA PRO A 60 27.32 49.64 7.18
C PRO A 60 27.94 48.65 6.15
N ARG A 61 28.12 48.89 4.83
CA ARG A 61 27.76 50.09 4.07
C ARG A 61 26.38 49.97 3.38
N ALA A 62 25.60 51.03 3.47
CA ALA A 62 24.33 51.18 2.75
C ALA A 62 23.43 49.95 2.69
N SER A 63 23.85 48.96 1.89
CA SER A 63 23.05 47.76 1.66
C SER A 63 22.62 47.06 2.96
N GLN A 64 23.54 46.96 3.91
CA GLN A 64 23.23 46.35 5.21
C GLN A 64 22.30 47.23 6.05
N VAL A 65 22.42 48.54 5.90
CA VAL A 65 21.50 49.46 6.60
C VAL A 65 20.08 49.37 6.02
N VAL A 66 19.98 49.43 4.68
CA VAL A 66 18.69 49.29 4.02
C VAL A 66 18.04 47.94 4.33
N LYS A 67 18.84 46.88 4.30
CA LYS A 67 18.39 45.53 4.64
C LYS A 67 17.76 45.50 6.03
N ASP A 68 18.43 46.13 6.99
CA ASP A 68 17.94 46.18 8.35
C ASP A 68 16.67 47.04 8.49
N CYS A 69 16.55 48.07 7.66
CA CYS A 69 15.32 48.86 7.61
C CYS A 69 14.16 48.05 7.02
N VAL A 70 14.47 47.28 5.99
CA VAL A 70 13.46 46.47 5.30
C VAL A 70 12.95 45.37 6.24
N LYS A 71 13.86 44.71 6.95
CA LYS A 71 13.49 43.73 7.95
C LYS A 71 12.59 44.33 9.02
N ALA A 72 12.79 45.61 9.32
CA ALA A 72 11.95 46.29 10.32
C ALA A 72 10.54 46.49 9.79
N CYS A 73 10.42 47.06 8.60
CA CYS A 73 9.14 47.23 7.95
C CYS A 73 8.35 45.94 7.90
N LEU A 74 9.04 44.83 7.61
CA LEU A 74 8.42 43.51 7.56
C LEU A 74 7.87 43.08 8.93
N ASN A 75 8.67 43.28 9.97
CA ASN A 75 8.18 43.02 11.32
C ASN A 75 6.94 43.85 11.65
N SER A 76 6.93 45.10 11.21
CA SER A 76 5.77 45.96 11.40
C SER A 76 4.61 45.49 10.52
N THR A 77 4.91 45.21 9.25
CA THR A 77 3.93 44.69 8.30
C THR A 77 3.26 43.41 8.82
N TYR A 78 4.05 42.49 9.36
CA TYR A 78 3.50 41.25 9.89
C TYR A 78 2.56 41.53 11.05
N GLU A 79 2.95 42.46 11.91
CA GLU A 79 2.12 42.87 13.01
C GLU A 79 0.79 43.46 12.52
N TYR A 80 0.86 44.24 11.45
CA TYR A 80 -0.35 44.84 10.89
C TYR A 80 -1.34 43.80 10.37
N ILE A 81 -0.91 42.93 9.47
CA ILE A 81 -1.82 41.93 8.90
C ILE A 81 -2.25 40.86 9.91
N PHE A 82 -1.49 40.68 10.99
CA PHE A 82 -1.88 39.75 12.04
C PHE A 82 -3.05 40.32 12.86
N ASN A 83 -3.00 41.62 13.13
CA ASN A 83 -4.05 42.25 13.94
C ASN A 83 -5.27 42.61 13.11
N ASN A 84 -5.10 42.68 11.80
CA ASN A 84 -6.20 43.08 10.93
C ASN A 84 -6.55 42.04 9.90
N CYS A 85 -6.20 40.79 10.21
CA CYS A 85 -6.38 39.66 9.30
C CYS A 85 -7.79 39.58 8.74
N HIS A 86 -8.76 39.49 9.64
CA HIS A 86 -10.15 39.30 9.26
C HIS A 86 -10.65 40.39 8.32
N GLU A 87 -10.46 41.65 8.70
CA GLU A 87 -10.93 42.78 7.91
C GLU A 87 -10.25 42.84 6.54
N LEU A 88 -8.93 42.72 6.53
CA LEU A 88 -8.15 42.71 5.28
C LEU A 88 -8.59 41.59 4.32
N TYR A 89 -8.88 40.41 4.86
CA TYR A 89 -9.29 39.29 4.04
C TYR A 89 -10.69 39.47 3.44
N GLY A 90 -11.70 39.68 4.30
CA GLY A 90 -13.08 39.74 3.86
C GLY A 90 -13.40 40.88 2.91
N ARG A 91 -12.55 41.89 2.94
CA ARG A 91 -12.68 43.08 2.11
C ARG A 91 -12.17 42.84 0.69
N GLU A 92 -11.04 42.14 0.59
CA GLU A 92 -10.38 41.94 -0.70
C GLU A 92 -10.67 40.56 -1.30
N TYR A 93 -10.76 39.55 -0.44
CA TYR A 93 -10.93 38.18 -0.91
C TYR A 93 -12.36 37.68 -0.71
N GLN A 94 -12.55 36.83 0.30
CA GLN A 94 -13.80 36.11 0.48
C GLN A 94 -14.13 35.30 -0.78
N THR A 95 -15.42 35.16 -1.08
CA THR A 95 -15.83 34.37 -2.23
C THR A 95 -16.98 35.03 -2.97
N GLU A 106 -15.96 40.29 16.92
CA GLU A 106 -15.96 38.98 17.54
C GLU A 106 -14.61 38.69 18.18
N GLU A 107 -14.39 37.43 18.56
CA GLU A 107 -13.10 37.02 19.10
C GLU A 107 -12.14 36.66 17.97
N GLN A 108 -11.70 37.69 17.24
CA GLN A 108 -10.80 37.53 16.11
C GLN A 108 -9.39 37.16 16.59
N GLY A 109 -8.48 37.04 15.62
CA GLY A 109 -7.16 36.51 15.92
C GLY A 109 -7.25 35.00 15.96
N PRO A 110 -6.12 34.33 16.28
CA PRO A 110 -6.11 32.87 16.35
C PRO A 110 -7.20 32.32 17.26
N SER A 111 -7.89 31.30 16.77
CA SER A 111 -8.92 30.64 17.55
C SER A 111 -8.48 29.21 17.85
N ILE A 112 -9.14 28.58 18.81
CA ILE A 112 -8.86 27.18 19.11
C ILE A 112 -10.03 26.29 18.67
N LYS A 113 -11.08 26.93 18.15
CA LYS A 113 -12.27 26.23 17.69
C LYS A 113 -12.28 26.06 16.17
N ASN A 114 -11.44 26.83 15.49
CA ASN A 114 -11.33 26.76 14.04
C ASN A 114 -9.99 27.32 13.54
N LEU A 115 -9.58 26.89 12.35
CA LEU A 115 -8.28 27.29 11.80
C LEU A 115 -8.40 28.40 10.77
N ASP A 116 -9.61 28.93 10.59
CA ASP A 116 -9.85 29.96 9.57
C ASP A 116 -8.83 31.09 9.59
N PHE A 117 -8.54 31.61 10.79
CA PHE A 117 -7.61 32.72 10.93
C PHE A 117 -6.27 32.46 10.24
N TRP A 118 -5.77 31.23 10.33
CA TRP A 118 -4.47 30.91 9.80
C TRP A 118 -4.45 30.80 8.27
N SER A 119 -5.53 30.28 7.70
CA SER A 119 -5.64 30.24 6.25
C SER A 119 -5.69 31.64 5.66
N LYS A 120 -6.44 32.53 6.31
CA LYS A 120 -6.52 33.91 5.84
C LYS A 120 -5.19 34.64 6.01
N LEU A 121 -4.47 34.32 7.09
CA LEU A 121 -3.18 34.95 7.35
C LEU A 121 -2.17 34.59 6.27
N ILE A 122 -2.19 33.32 5.88
CA ILE A 122 -1.32 32.82 4.81
C ILE A 122 -1.55 33.61 3.52
N THR A 123 -2.82 33.77 3.14
CA THR A 123 -3.18 34.54 1.96
C THR A 123 -2.61 35.96 2.01
N LEU A 124 -2.73 36.60 3.16
CA LEU A 124 -2.24 37.97 3.34
C LEU A 124 -0.71 38.03 3.29
N ILE A 125 -0.08 37.08 3.96
CA ILE A 125 1.37 36.92 3.87
C ILE A 125 1.84 36.86 2.41
N VAL A 126 1.14 36.08 1.59
CA VAL A 126 1.52 35.97 0.18
C VAL A 126 1.41 37.30 -0.57
N SER A 127 0.31 38.01 -0.36
CA SER A 127 0.12 39.35 -0.92
C SER A 127 1.30 40.26 -0.59
N ILE A 128 1.77 40.18 0.66
CA ILE A 128 2.92 40.98 1.09
C ILE A 128 4.19 40.59 0.32
N ILE A 129 4.50 39.30 0.32
CA ILE A 129 5.68 38.79 -0.37
C ILE A 129 5.66 39.13 -1.86
N GLU A 130 4.53 38.85 -2.50
CA GLU A 130 4.33 39.18 -3.89
C GLU A 130 4.52 40.69 -4.12
N GLU A 131 3.97 41.51 -3.23
CA GLU A 131 4.13 42.96 -3.35
C GLU A 131 5.60 43.36 -3.28
N ASP A 132 6.35 42.71 -2.40
CA ASP A 132 7.78 43.00 -2.25
C ASP A 132 8.60 42.46 -3.42
N LYS A 133 8.06 41.47 -4.14
CA LYS A 133 8.75 40.95 -5.32
C LYS A 133 8.47 41.85 -6.52
N ASN A 134 7.19 42.10 -6.77
CA ASN A 134 6.74 42.82 -7.96
C ASN A 134 6.94 44.33 -7.87
N SER A 135 6.70 44.88 -6.69
CA SER A 135 7.08 46.26 -6.41
C SER A 135 8.28 46.19 -5.47
N TYR A 136 8.90 47.33 -5.19
CA TYR A 136 9.99 47.42 -4.21
C TYR A 136 11.30 46.79 -4.64
N THR A 137 11.29 45.49 -4.93
CA THR A 137 12.49 44.83 -5.44
C THR A 137 13.05 45.53 -6.69
N PRO A 138 12.20 45.78 -7.71
CA PRO A 138 12.75 46.56 -8.83
C PRO A 138 13.05 47.99 -8.41
N CYS A 139 12.26 48.50 -7.47
CA CYS A 139 12.42 49.86 -6.97
C CYS A 139 13.78 50.02 -6.29
N LEU A 140 14.10 49.11 -5.37
CA LEU A 140 15.37 49.14 -4.65
C LEU A 140 16.40 48.20 -5.30
N ASN A 141 17.01 48.67 -6.40
CA ASN A 141 17.90 47.86 -7.21
C ASN A 141 19.34 48.35 -7.17
N GLN A 142 19.70 49.04 -6.08
CA GLN A 142 21.01 49.64 -5.94
C GLN A 142 22.11 48.62 -5.69
N PHE A 143 21.76 47.54 -4.99
CA PHE A 143 22.73 46.50 -4.64
C PHE A 143 22.14 45.13 -4.92
N PRO A 144 22.12 44.73 -6.20
CA PRO A 144 21.43 43.52 -6.64
C PRO A 144 22.01 42.29 -5.98
N GLN A 145 23.33 42.26 -5.85
CA GLN A 145 24.05 41.14 -5.25
C GLN A 145 23.73 40.96 -3.76
N GLU A 146 23.35 42.04 -3.09
CA GLU A 146 23.27 42.01 -1.63
C GLU A 146 21.92 42.41 -1.04
N LEU A 147 20.99 42.89 -1.87
CA LEU A 147 19.67 43.29 -1.37
C LEU A 147 18.53 42.89 -2.31
N ASN A 148 17.85 41.79 -1.99
CA ASN A 148 16.69 41.37 -2.75
C ASN A 148 15.46 41.41 -1.86
N VAL A 149 14.72 42.52 -1.93
CA VAL A 149 13.61 42.78 -1.00
C VAL A 149 12.63 41.63 -0.94
N GLY A 150 12.25 41.10 -2.10
CA GLY A 150 11.35 39.98 -2.17
C GLY A 150 11.91 38.74 -1.48
N LYS A 151 13.20 38.50 -1.67
CA LYS A 151 13.86 37.37 -1.03
C LYS A 151 13.83 37.55 0.49
N ILE A 152 14.15 38.77 0.92
CA ILE A 152 14.21 39.04 2.35
C ILE A 152 12.78 39.14 2.93
N SER A 153 11.82 39.55 2.11
CA SER A 153 10.42 39.58 2.52
C SER A 153 9.90 38.19 2.85
N ALA A 154 10.20 37.23 1.98
CA ALA A 154 9.78 35.84 2.18
C ALA A 154 10.39 35.25 3.45
N GLU A 155 11.67 35.53 3.69
CA GLU A 155 12.34 34.95 4.86
C GLU A 155 11.74 35.47 6.16
N VAL A 156 11.64 36.79 6.29
CA VAL A 156 11.07 37.40 7.49
C VAL A 156 9.61 37.00 7.70
N MET A 157 8.79 37.09 6.65
CA MET A 157 7.37 36.77 6.78
C MET A 157 7.16 35.31 7.17
N TRP A 158 7.89 34.40 6.54
CA TRP A 158 7.79 32.99 6.90
C TRP A 158 8.24 32.77 8.35
N SER A 159 9.40 33.32 8.70
CA SER A 159 9.96 33.15 10.04
C SER A 159 9.03 33.64 11.15
N LEU A 160 8.38 34.79 10.91
CA LEU A 160 7.43 35.33 11.88
C LEU A 160 6.17 34.48 11.94
N PHE A 161 5.73 34.01 10.78
CA PHE A 161 4.58 33.13 10.70
C PHE A 161 4.86 31.78 11.35
N ALA A 162 6.06 31.25 11.12
CA ALA A 162 6.43 29.95 11.66
C ALA A 162 6.43 29.95 13.20
N GLN A 163 6.87 31.06 13.78
CA GLN A 163 6.91 31.20 15.23
C GLN A 163 5.52 31.08 15.85
N ASP A 164 4.54 31.72 15.21
CA ASP A 164 3.17 31.70 15.72
C ASP A 164 2.47 30.39 15.41
N MET A 165 2.72 29.84 14.23
CA MET A 165 2.08 28.61 13.79
C MET A 165 2.54 27.42 14.63
N LYS A 166 3.82 27.41 14.98
CA LYS A 166 4.36 26.36 15.85
C LYS A 166 3.64 26.37 17.19
N TYR A 167 3.51 27.56 17.77
CA TYR A 167 2.82 27.72 19.05
C TYR A 167 1.34 27.37 18.94
N ALA A 168 0.72 27.72 17.83
CA ALA A 168 -0.70 27.44 17.63
C ALA A 168 -0.98 25.94 17.57
N MET A 169 -0.14 25.20 16.86
CA MET A 169 -0.36 23.77 16.69
C MET A 169 -0.04 22.99 17.97
N GLU A 170 0.87 23.50 18.78
CA GLU A 170 1.16 22.88 20.07
C GLU A 170 -0.08 23.02 20.94
N GLU A 171 -0.76 24.16 20.82
CA GLU A 171 -1.99 24.42 21.54
C GLU A 171 -3.11 23.52 21.03
N HIS A 172 -3.23 23.44 19.70
CA HIS A 172 -4.23 22.57 19.08
C HIS A 172 -3.96 21.09 19.35
N ASP A 173 -2.69 20.74 19.55
CA ASP A 173 -2.32 19.37 19.92
C ASP A 173 -2.99 19.00 21.24
N LYS A 174 -2.98 19.91 22.20
CA LYS A 174 -3.55 19.65 23.53
C LYS A 174 -5.07 19.55 23.53
N HIS A 175 -5.75 20.41 22.78
CA HIS A 175 -7.20 20.49 22.83
C HIS A 175 -7.91 19.80 21.67
N ARG A 176 -7.18 19.53 20.59
CA ARG A 176 -7.75 19.02 19.35
C ARG A 176 -8.90 19.90 18.84
N LEU A 177 -10.14 19.46 19.08
CA LEU A 177 -11.32 20.30 18.88
C LEU A 177 -11.74 20.59 17.43
N CYS A 178 -10.79 20.57 16.50
CA CYS A 178 -11.12 20.77 15.09
C CYS A 178 -11.18 19.44 14.34
N LYS A 179 -11.87 19.43 13.20
CA LYS A 179 -11.92 18.24 12.35
C LYS A 179 -10.53 17.93 11.82
N SER A 180 -10.18 16.65 11.72
CA SER A 180 -8.89 16.25 11.16
C SER A 180 -8.69 16.80 9.74
N ALA A 181 -9.79 16.92 8.99
CA ALA A 181 -9.75 17.51 7.67
C ALA A 181 -9.14 18.91 7.71
N ASP A 182 -9.61 19.73 8.63
CA ASP A 182 -9.13 21.11 8.73
C ASP A 182 -7.63 21.22 9.02
N TYR A 183 -7.12 20.35 9.89
CA TYR A 183 -5.68 20.31 10.16
C TYR A 183 -4.93 19.84 8.92
N MET A 184 -5.49 18.86 8.24
CA MET A 184 -4.89 18.26 7.05
C MET A 184 -4.72 19.31 5.94
N ASN A 185 -5.78 20.08 5.69
CA ASN A 185 -5.75 21.15 4.69
C ASN A 185 -4.77 22.27 5.03
N LEU A 186 -4.68 22.63 6.30
CA LEU A 186 -3.77 23.68 6.72
C LEU A 186 -2.32 23.23 6.52
N HIS A 187 -2.05 21.98 6.87
CA HIS A 187 -0.73 21.37 6.63
C HIS A 187 -0.40 21.47 5.15
N PHE A 188 -1.41 21.22 4.30
CA PHE A 188 -1.23 21.28 2.86
C PHE A 188 -0.93 22.71 2.40
N LYS A 189 -1.68 23.67 2.94
CA LYS A 189 -1.54 25.06 2.53
C LYS A 189 -0.20 25.65 2.98
N VAL A 190 0.30 25.18 4.13
CA VAL A 190 1.61 25.60 4.63
C VAL A 190 2.74 25.07 3.74
N LYS A 191 2.68 23.79 3.40
CA LYS A 191 3.65 23.17 2.48
C LYS A 191 3.75 23.97 1.19
N TRP A 192 2.60 24.36 0.64
CA TRP A 192 2.60 25.17 -0.55
C TRP A 192 3.35 26.48 -0.31
N LEU A 193 3.06 27.15 0.81
CA LEU A 193 3.74 28.40 1.15
C LEU A 193 5.25 28.20 1.28
N TYR A 194 5.64 27.17 2.02
CA TYR A 194 7.05 26.88 2.23
C TYR A 194 7.80 26.59 0.93
N ASN A 195 7.24 25.71 0.11
CA ASN A 195 7.91 25.31 -1.13
C ASN A 195 7.94 26.44 -2.17
N GLU A 196 6.86 27.22 -2.20
CA GLU A 196 6.75 28.32 -3.16
C GLU A 196 7.72 29.46 -2.88
N TYR A 197 7.91 29.79 -1.61
CA TYR A 197 8.61 31.03 -1.26
C TYR A 197 9.89 30.86 -0.46
N VAL A 198 10.02 29.74 0.26
CA VAL A 198 11.05 29.60 1.28
C VAL A 198 12.10 28.53 0.98
N ALA A 199 11.67 27.39 0.45
CA ALA A 199 12.53 26.20 0.33
C ALA A 199 13.83 26.42 -0.44
N GLU A 200 13.83 27.34 -1.38
CA GLU A 200 15.01 27.60 -2.19
C GLU A 200 15.83 28.81 -1.69
N LEU A 201 15.66 29.14 -0.42
CA LEU A 201 16.45 30.21 0.21
C LEU A 201 17.70 29.63 0.88
N PRO A 202 18.80 30.40 0.88
CA PRO A 202 20.08 29.98 1.45
C PRO A 202 19.95 29.44 2.88
N THR A 203 19.23 30.19 3.72
CA THR A 203 18.97 29.79 5.10
C THR A 203 18.33 28.41 5.19
N PHE A 204 17.44 28.12 4.24
CA PHE A 204 16.59 26.94 4.30
C PHE A 204 17.02 25.82 3.35
N LYS A 205 17.75 26.16 2.30
CA LYS A 205 18.18 25.21 1.25
C LYS A 205 18.62 23.85 1.78
N ASP A 206 19.33 23.84 2.90
CA ASP A 206 19.77 22.61 3.56
C ASP A 206 18.58 21.79 4.07
N ARG A 207 17.38 22.34 3.89
CA ARG A 207 16.14 21.67 4.28
C ARG A 207 16.07 21.17 5.71
N VAL A 208 15.74 19.88 5.84
CA VAL A 208 15.12 19.32 7.05
C VAL A 208 14.21 20.34 7.75
N PRO A 209 13.18 20.83 7.03
CA PRO A 209 12.32 21.89 7.58
C PRO A 209 11.52 21.40 8.78
N GLU A 210 11.15 22.32 9.65
CA GLU A 210 10.57 21.96 10.94
C GLU A 210 9.04 21.87 10.89
N TYR A 211 8.44 22.55 9.92
CA TYR A 211 6.98 22.63 9.81
C TYR A 211 6.17 21.33 9.84
N PRO A 212 6.65 20.25 9.18
CA PRO A 212 5.82 19.05 9.23
C PRO A 212 5.66 18.47 10.65
N ALA A 213 6.63 18.71 11.52
CA ALA A 213 6.59 18.18 12.88
C ALA A 213 5.45 18.80 13.68
N TRP A 214 5.07 20.02 13.31
CA TRP A 214 3.95 20.72 13.94
C TRP A 214 2.65 19.98 13.73
N PHE A 215 2.51 19.36 12.56
CA PHE A 215 1.25 18.76 12.15
C PHE A 215 1.22 17.25 12.35
N GLU A 216 2.39 16.67 12.61
CA GLU A 216 2.54 15.21 12.75
C GLU A 216 1.45 14.50 13.58
N PRO A 217 1.13 15.02 14.79
CA PRO A 217 0.09 14.32 15.56
C PRO A 217 -1.31 14.43 14.92
N PHE A 218 -1.53 15.46 14.11
CA PHE A 218 -2.82 15.65 13.45
C PHE A 218 -3.01 14.71 12.26
N VAL A 219 -1.90 14.40 11.57
CA VAL A 219 -1.94 13.44 10.48
C VAL A 219 -2.15 12.03 11.04
N ILE A 220 -1.45 11.70 12.11
CA ILE A 220 -1.60 10.42 12.77
C ILE A 220 -3.05 10.18 13.19
N GLN A 221 -3.68 11.22 13.74
CA GLN A 221 -5.09 11.14 14.10
C GLN A 221 -5.94 10.89 12.87
N TRP A 222 -5.65 11.60 11.78
CA TRP A 222 -6.38 11.41 10.54
C TRP A 222 -6.24 9.98 10.04
N LEU A 223 -5.03 9.42 10.16
CA LEU A 223 -4.80 8.03 9.81
C LEU A 223 -5.60 7.09 10.71
N ASP A 224 -5.60 7.35 12.02
CA ASP A 224 -6.39 6.57 12.97
C ASP A 224 -7.86 6.59 12.59
N GLU A 225 -8.36 7.75 12.20
CA GLU A 225 -9.74 7.88 11.73
C GLU A 225 -9.90 7.22 10.38
N ASN A 226 -8.91 7.38 9.51
CA ASN A 226 -8.94 6.77 8.18
C ASN A 226 -9.06 5.25 8.21
N GLU A 227 -8.34 4.60 9.12
CA GLU A 227 -8.40 3.15 9.25
C GLU A 227 -9.81 2.69 9.59
N GLU A 228 -10.44 3.38 10.55
CA GLU A 228 -11.79 3.03 10.97
C GLU A 228 -12.82 3.33 9.88
N VAL A 229 -12.46 4.23 8.97
CA VAL A 229 -13.32 4.56 7.83
C VAL A 229 -13.19 3.49 6.75
N SER A 230 -11.95 3.08 6.49
CA SER A 230 -11.67 2.03 5.52
C SER A 230 -12.26 0.70 5.94
N ARG A 231 -12.05 0.32 7.20
CA ARG A 231 -12.60 -0.92 7.76
C ARG A 231 -14.11 -0.92 7.67
N ASP A 232 -14.71 0.27 7.70
CA ASP A 232 -16.15 0.43 7.57
C ASP A 232 -16.55 0.24 6.11
N PHE A 233 -15.76 0.81 5.20
CA PHE A 233 -16.02 0.72 3.78
C PHE A 233 -15.92 -0.73 3.30
N LEU A 234 -15.07 -1.50 3.97
CA LEU A 234 -14.92 -2.93 3.67
C LEU A 234 -16.24 -3.66 3.85
N HIS A 235 -16.74 -3.67 5.08
CA HIS A 235 -18.08 -4.20 5.38
C HIS A 235 -19.09 -3.35 4.61
N GLY A 236 -19.30 -3.67 3.35
CA GLY A 236 -20.14 -2.85 2.49
C GLY A 236 -19.76 -3.11 1.05
N ALA A 237 -18.48 -3.03 0.77
CA ALA A 237 -17.96 -3.42 -0.53
C ALA A 237 -18.17 -4.92 -0.71
N LEU A 238 -18.03 -5.67 0.39
CA LEU A 238 -18.19 -7.12 0.35
C LEU A 238 -19.65 -7.56 0.28
N GLU A 239 -20.52 -6.90 1.05
CA GLU A 239 -21.94 -7.23 1.01
C GLU A 239 -22.53 -6.86 -0.34
N ARG A 240 -22.08 -5.75 -0.89
CA ARG A 240 -22.50 -5.33 -2.23
C ARG A 240 -22.07 -6.37 -3.27
N ASP A 241 -20.91 -6.97 -3.06
CA ASP A 241 -20.38 -7.99 -3.95
C ASP A 241 -21.10 -9.32 -3.73
N LYS A 242 -21.25 -9.70 -2.46
CA LYS A 242 -21.95 -10.93 -2.10
C LYS A 242 -23.39 -10.92 -2.60
N LYS A 243 -24.07 -9.79 -2.43
CA LYS A 243 -25.44 -9.64 -2.90
C LYS A 243 -25.50 -9.70 -4.43
N ASP A 244 -24.40 -9.29 -5.07
CA ASP A 244 -24.30 -9.36 -6.54
C ASP A 244 -23.82 -10.75 -6.94
N GLY A 245 -23.49 -11.57 -5.95
CA GLY A 245 -23.04 -12.93 -6.19
C GLY A 245 -21.66 -13.03 -6.80
N PHE A 246 -20.68 -12.44 -6.10
CA PHE A 246 -19.26 -12.46 -6.48
C PHE A 246 -18.94 -12.65 -7.96
N GLN A 247 -19.61 -11.86 -8.79
CA GLN A 247 -19.41 -11.89 -10.23
C GLN A 247 -17.97 -11.61 -10.59
N GLN A 248 -17.43 -12.39 -11.52
CA GLN A 248 -16.15 -12.08 -12.15
C GLN A 248 -16.36 -10.72 -12.84
N THR A 249 -15.38 -9.82 -12.75
CA THR A 249 -15.56 -8.47 -13.28
C THR A 249 -15.71 -8.45 -14.80
N SER A 250 -14.65 -8.87 -15.50
CA SER A 250 -14.63 -8.78 -16.95
C SER A 250 -13.61 -9.69 -17.64
N GLU A 251 -14.07 -10.83 -18.15
CA GLU A 251 -13.31 -11.65 -19.09
C GLU A 251 -11.95 -12.14 -18.57
N HIS A 252 -11.01 -11.22 -18.39
CA HIS A 252 -9.63 -11.56 -18.02
C HIS A 252 -9.27 -11.10 -16.61
N ALA A 253 -10.26 -10.67 -15.85
CA ALA A 253 -10.05 -10.32 -14.45
C ALA A 253 -10.83 -11.29 -13.56
N LEU A 254 -10.15 -12.36 -13.16
CA LEU A 254 -10.78 -13.49 -12.49
C LEU A 254 -11.22 -13.20 -11.06
N PHE A 255 -11.18 -11.93 -10.66
CA PHE A 255 -11.62 -11.51 -9.34
C PHE A 255 -12.91 -10.69 -9.41
N SER A 256 -13.51 -10.39 -8.26
CA SER A 256 -14.77 -9.65 -8.22
C SER A 256 -14.58 -8.15 -7.94
N CYS A 257 -15.67 -7.43 -7.77
CA CYS A 257 -15.63 -5.98 -7.66
C CYS A 257 -15.12 -5.50 -6.30
N SER A 258 -15.39 -6.26 -5.25
CA SER A 258 -14.98 -5.88 -3.90
C SER A 258 -13.46 -5.71 -3.80
N VAL A 259 -12.72 -6.42 -4.64
CA VAL A 259 -11.27 -6.32 -4.68
C VAL A 259 -10.81 -4.97 -5.23
N VAL A 260 -11.39 -4.54 -6.35
CA VAL A 260 -11.02 -3.25 -6.93
C VAL A 260 -11.48 -2.09 -6.05
N ASP A 261 -12.57 -2.31 -5.31
CA ASP A 261 -13.12 -1.29 -4.42
C ASP A 261 -12.23 -1.03 -3.21
N VAL A 262 -11.77 -2.11 -2.57
CA VAL A 262 -10.89 -2.01 -1.41
C VAL A 262 -9.58 -1.31 -1.74
N PHE A 263 -8.95 -1.72 -2.84
CA PHE A 263 -7.66 -1.14 -3.20
C PHE A 263 -7.74 0.27 -3.76
N SER A 264 -8.91 0.66 -4.27
CA SER A 264 -9.12 2.05 -4.65
C SER A 264 -9.22 2.91 -3.39
N GLN A 265 -9.94 2.41 -2.40
CA GLN A 265 -10.05 3.07 -1.11
C GLN A 265 -8.70 3.19 -0.41
N LEU A 266 -7.90 2.12 -0.45
CA LEU A 266 -6.59 2.12 0.19
C LEU A 266 -5.63 3.07 -0.52
N ASN A 267 -5.73 3.14 -1.84
CA ASN A 267 -4.83 3.97 -2.63
C ASN A 267 -5.20 5.47 -2.59
N GLN A 268 -6.49 5.77 -2.53
CA GLN A 268 -6.95 7.14 -2.36
C GLN A 268 -6.41 7.70 -1.06
N SER A 269 -6.47 6.88 -0.02
CA SER A 269 -5.99 7.26 1.30
C SER A 269 -4.49 7.47 1.30
N PHE A 270 -3.76 6.59 0.60
CA PHE A 270 -2.33 6.73 0.48
C PHE A 270 -1.98 7.97 -0.34
N GLU A 271 -2.82 8.29 -1.32
CA GLU A 271 -2.57 9.43 -2.19
C GLU A 271 -2.68 10.73 -1.41
N ILE A 272 -3.48 10.72 -0.34
CA ILE A 272 -3.61 11.89 0.52
C ILE A 272 -2.28 12.17 1.23
N ILE A 273 -1.69 11.14 1.82
CA ILE A 273 -0.39 11.27 2.49
C ILE A 273 0.68 11.71 1.51
N LYS A 274 0.61 11.18 0.28
CA LYS A 274 1.58 11.46 -0.76
C LYS A 274 1.57 12.95 -1.13
N LYS A 275 0.38 13.56 -1.18
CA LYS A 275 0.27 14.96 -1.59
C LYS A 275 0.82 15.93 -0.53
N LEU A 276 1.00 15.44 0.70
CA LEU A 276 1.61 16.24 1.75
C LEU A 276 3.07 16.55 1.43
N GLU A 277 3.71 15.67 0.65
CA GLU A 277 5.11 15.83 0.28
C GLU A 277 6.00 16.13 1.47
N CYS A 278 5.84 15.33 2.52
CA CYS A 278 6.61 15.49 3.75
C CYS A 278 8.10 15.39 3.48
N PRO A 279 8.85 16.45 3.82
CA PRO A 279 10.30 16.52 3.61
C PRO A 279 11.11 15.97 4.78
N ASP A 280 10.45 15.46 5.81
CA ASP A 280 11.15 14.85 6.93
C ASP A 280 10.96 13.34 6.89
N PRO A 281 11.97 12.63 6.37
CA PRO A 281 11.94 11.17 6.21
C PRO A 281 11.60 10.43 7.50
N GLN A 282 12.13 10.90 8.63
CA GLN A 282 11.86 10.28 9.92
C GLN A 282 10.35 10.32 10.20
N ILE A 283 9.72 11.41 9.81
CA ILE A 283 8.27 11.57 9.94
C ILE A 283 7.55 10.77 8.87
N VAL A 284 8.11 10.76 7.66
CA VAL A 284 7.52 10.00 6.56
C VAL A 284 7.49 8.51 6.92
N GLY A 285 8.51 8.04 7.63
CA GLY A 285 8.56 6.66 8.08
C GLY A 285 7.46 6.39 9.08
N HIS A 286 7.13 7.41 9.87
CA HIS A 286 6.09 7.30 10.88
C HIS A 286 4.72 7.09 10.22
N TYR A 287 4.42 7.89 9.20
CA TYR A 287 3.15 7.77 8.49
C TYR A 287 3.05 6.42 7.78
N MET A 288 4.18 5.98 7.21
CA MET A 288 4.23 4.71 6.50
C MET A 288 4.07 3.53 7.46
N ARG A 289 4.71 3.63 8.62
CA ARG A 289 4.58 2.59 9.66
C ARG A 289 3.13 2.46 10.10
N ARG A 290 2.45 3.59 10.22
CA ARG A 290 1.06 3.60 10.69
C ARG A 290 0.09 3.12 9.61
N PHE A 291 0.29 3.58 8.39
CA PHE A 291 -0.60 3.24 7.29
C PHE A 291 -0.48 1.76 6.91
N ALA A 292 0.73 1.20 7.07
CA ALA A 292 0.94 -0.21 6.83
C ALA A 292 0.06 -1.05 7.76
N LYS A 293 -0.10 -0.58 9.00
CA LYS A 293 -0.97 -1.25 9.96
C LYS A 293 -2.41 -1.19 9.49
N THR A 294 -2.77 -0.11 8.81
CA THR A 294 -4.13 0.03 8.27
C THR A 294 -4.37 -0.98 7.15
N ILE A 295 -3.43 -1.05 6.22
CA ILE A 295 -3.49 -2.01 5.11
C ILE A 295 -3.61 -3.45 5.62
N SER A 296 -2.77 -3.81 6.58
CA SER A 296 -2.81 -5.14 7.19
C SER A 296 -4.20 -5.44 7.74
N ASN A 297 -4.66 -4.61 8.68
CA ASN A 297 -5.94 -4.84 9.34
C ASN A 297 -7.15 -4.85 8.39
N VAL A 298 -7.05 -4.10 7.29
CA VAL A 298 -8.12 -4.05 6.29
C VAL A 298 -8.12 -5.32 5.43
N LEU A 299 -6.97 -5.66 4.88
CA LEU A 299 -6.84 -6.84 4.03
C LEU A 299 -7.05 -8.15 4.81
N LEU A 300 -6.47 -8.23 6.00
CA LEU A 300 -6.67 -9.38 6.87
C LEU A 300 -8.14 -9.55 7.19
N GLN A 301 -8.84 -8.43 7.32
CA GLN A 301 -10.28 -8.47 7.57
C GLN A 301 -11.00 -9.02 6.34
N TYR A 302 -10.61 -8.56 5.15
CA TYR A 302 -11.16 -9.08 3.90
C TYR A 302 -11.00 -10.60 3.88
N ALA A 303 -9.78 -11.07 4.11
CA ALA A 303 -9.51 -12.50 4.17
C ALA A 303 -10.32 -13.19 5.27
N ASP A 304 -10.31 -12.60 6.47
CA ASP A 304 -11.03 -13.18 7.60
C ASP A 304 -12.54 -13.19 7.37
N ILE A 305 -13.05 -12.20 6.64
CA ILE A 305 -14.48 -12.18 6.29
C ILE A 305 -14.81 -13.32 5.34
N VAL A 306 -14.00 -13.49 4.29
CA VAL A 306 -14.21 -14.54 3.30
C VAL A 306 -13.96 -15.95 3.86
N SER A 307 -12.85 -16.13 4.58
CA SER A 307 -12.52 -17.45 5.13
C SER A 307 -13.54 -17.92 6.18
N LYS A 308 -14.38 -16.99 6.64
CA LYS A 308 -15.42 -17.33 7.62
C LYS A 308 -16.75 -17.63 6.96
N ASP A 309 -16.79 -17.56 5.64
CA ASP A 309 -18.03 -17.82 4.90
C ASP A 309 -17.80 -18.75 3.71
N PHE A 310 -16.54 -19.10 3.47
CA PHE A 310 -16.14 -19.84 2.26
C PHE A 310 -16.93 -21.13 2.03
N ALA A 311 -17.04 -21.96 3.07
CA ALA A 311 -17.69 -23.26 2.95
C ALA A 311 -19.12 -23.19 2.41
N SER A 312 -19.89 -22.23 2.91
CA SER A 312 -21.30 -22.08 2.53
C SER A 312 -21.54 -21.92 1.02
N TYR A 313 -20.55 -21.38 0.31
CA TYR A 313 -20.65 -21.23 -1.15
C TYR A 313 -20.08 -22.46 -1.83
N CYS A 314 -19.08 -23.06 -1.20
CA CYS A 314 -18.43 -24.24 -1.74
C CYS A 314 -19.20 -25.50 -1.34
N SER A 315 -18.51 -26.64 -1.35
CA SER A 315 -19.14 -27.94 -1.14
C SER A 315 -20.23 -28.19 -2.18
N LYS A 316 -21.47 -28.03 -1.77
CA LYS A 316 -22.60 -28.18 -2.68
C LYS A 316 -22.55 -27.13 -3.78
N GLU A 317 -22.71 -27.58 -5.02
CA GLU A 317 -22.70 -26.72 -6.22
C GLU A 317 -23.50 -25.42 -6.00
N LYS A 318 -23.08 -24.31 -6.60
CA LYS A 318 -22.02 -24.26 -7.62
C LYS A 318 -20.57 -24.21 -7.11
N GLU A 319 -19.66 -23.97 -8.05
CA GLU A 319 -18.22 -24.00 -7.77
C GLU A 319 -17.48 -22.78 -8.32
N LYS A 320 -18.17 -21.92 -9.07
CA LYS A 320 -17.55 -20.71 -9.60
C LYS A 320 -17.15 -19.74 -8.48
N VAL A 321 -18.11 -19.43 -7.61
CA VAL A 321 -17.87 -18.52 -6.49
C VAL A 321 -16.64 -18.87 -5.62
N PRO A 322 -16.51 -20.13 -5.19
CA PRO A 322 -15.33 -20.47 -4.39
C PRO A 322 -14.02 -20.20 -5.12
N CYS A 323 -13.99 -20.46 -6.43
CA CYS A 323 -12.81 -20.13 -7.23
C CYS A 323 -12.51 -18.63 -7.21
N ILE A 324 -13.53 -17.82 -7.43
CA ILE A 324 -13.39 -16.37 -7.45
C ILE A 324 -12.90 -15.84 -6.10
N LEU A 325 -13.44 -16.39 -5.02
CA LEU A 325 -13.03 -15.99 -3.67
C LEU A 325 -11.56 -16.30 -3.44
N MET A 326 -11.06 -17.36 -4.06
CA MET A 326 -9.64 -17.68 -3.98
C MET A 326 -8.84 -16.73 -4.86
N ASN A 327 -9.36 -16.44 -6.05
CA ASN A 327 -8.74 -15.46 -6.94
C ASN A 327 -8.63 -14.11 -6.26
N ASN A 328 -9.73 -13.67 -5.64
CA ASN A 328 -9.76 -12.45 -4.86
C ASN A 328 -8.64 -12.41 -3.84
N THR A 329 -8.54 -13.47 -3.05
CA THR A 329 -7.50 -13.58 -2.03
C THR A 329 -6.12 -13.52 -2.66
N GLN A 330 -5.96 -14.15 -3.81
CA GLN A 330 -4.69 -14.07 -4.53
C GLN A 330 -4.44 -12.65 -5.02
N GLN A 331 -5.51 -11.99 -5.47
CA GLN A 331 -5.37 -10.63 -6.00
C GLN A 331 -4.93 -9.66 -4.91
N LEU A 332 -5.37 -9.91 -3.68
CA LEU A 332 -4.91 -9.16 -2.52
C LEU A 332 -3.38 -9.23 -2.44
N ARG A 333 -2.84 -10.43 -2.67
CA ARG A 333 -1.40 -10.65 -2.64
C ARG A 333 -0.67 -9.82 -3.69
N VAL A 334 -1.22 -9.77 -4.91
CA VAL A 334 -0.52 -9.11 -6.00
C VAL A 334 -0.62 -7.58 -5.92
N GLN A 335 -1.78 -7.08 -5.48
CA GLN A 335 -1.98 -5.64 -5.39
C GLN A 335 -1.42 -5.03 -4.10
N LEU A 336 -1.08 -5.89 -3.14
CA LEU A 336 -0.32 -5.47 -1.97
C LEU A 336 1.09 -5.12 -2.42
N GLU A 337 1.71 -6.04 -3.16
CA GLU A 337 3.08 -5.85 -3.64
C GLU A 337 3.17 -4.57 -4.48
N LYS A 338 2.09 -4.29 -5.19
CA LYS A 338 2.00 -3.09 -6.02
C LYS A 338 1.99 -1.83 -5.14
N MET A 339 1.33 -1.92 -3.97
CA MET A 339 1.35 -0.85 -2.97
C MET A 339 2.72 -0.74 -2.32
N PHE A 340 3.33 -1.89 -2.06
CA PHE A 340 4.64 -1.94 -1.44
C PHE A 340 5.67 -1.14 -2.24
N GLU A 341 5.60 -1.25 -3.56
CA GLU A 341 6.48 -0.48 -4.43
C GLU A 341 6.06 0.99 -4.46
N ALA A 342 4.74 1.23 -4.44
CA ALA A 342 4.22 2.60 -4.43
C ALA A 342 4.60 3.34 -3.15
N MET A 343 4.73 2.61 -2.05
CA MET A 343 5.21 3.18 -0.80
C MET A 343 6.73 3.13 -0.79
N GLY A 344 7.33 2.88 -1.95
CA GLY A 344 8.77 2.91 -2.11
C GLY A 344 9.50 1.73 -1.50
N GLY A 345 9.14 0.52 -1.94
CA GLY A 345 9.73 -0.69 -1.41
C GLY A 345 11.24 -0.69 -1.41
N LYS A 346 11.83 -1.52 -0.53
CA LYS A 346 13.27 -1.53 -0.28
C LYS A 346 13.75 -0.26 0.42
N GLU A 347 13.42 0.90 -0.14
CA GLU A 347 13.73 2.19 0.50
C GLU A 347 12.76 2.46 1.63
N LEU A 348 11.63 1.75 1.62
CA LEU A 348 10.58 1.87 2.63
C LEU A 348 11.14 1.65 4.03
N ASP A 349 10.54 2.33 5.01
CA ASP A 349 10.90 2.13 6.41
C ASP A 349 10.89 0.64 6.74
N ALA A 350 11.91 0.20 7.47
CA ALA A 350 12.09 -1.22 7.76
C ALA A 350 10.90 -1.80 8.54
N GLU A 351 10.53 -1.15 9.64
CA GLU A 351 9.43 -1.61 10.47
C GLU A 351 8.10 -1.62 9.70
N ALA A 352 7.99 -0.75 8.70
CA ALA A 352 6.81 -0.72 7.85
C ALA A 352 6.81 -1.90 6.88
N SER A 353 7.91 -2.08 6.15
CA SER A 353 8.04 -3.18 5.21
C SER A 353 7.96 -4.51 5.94
N GLY A 354 8.41 -4.51 7.19
CA GLY A 354 8.32 -5.69 8.03
C GLY A 354 6.89 -6.15 8.22
N THR A 355 5.97 -5.23 8.51
CA THR A 355 4.57 -5.58 8.74
C THR A 355 3.88 -6.00 7.45
N LEU A 356 4.29 -5.40 6.34
CA LEU A 356 3.73 -5.76 5.04
C LEU A 356 4.22 -7.13 4.57
N LYS A 357 5.50 -7.40 4.76
CA LYS A 357 6.06 -8.70 4.40
C LYS A 357 5.51 -9.80 5.30
N GLU A 358 5.18 -9.44 6.54
CA GLU A 358 4.51 -10.37 7.45
C GLU A 358 3.04 -10.51 7.06
N LEU A 359 2.56 -9.61 6.21
CA LEU A 359 1.19 -9.65 5.73
C LEU A 359 1.06 -10.53 4.49
N GLN A 360 2.10 -10.50 3.64
CA GLN A 360 2.14 -11.36 2.47
C GLN A 360 2.14 -12.83 2.88
N VAL A 361 2.80 -13.11 4.00
CA VAL A 361 2.84 -14.46 4.55
C VAL A 361 1.48 -14.89 5.07
N LYS A 362 0.84 -14.02 5.84
CA LYS A 362 -0.48 -14.31 6.40
C LYS A 362 -1.52 -14.54 5.31
N LEU A 363 -1.47 -13.74 4.26
CA LEU A 363 -2.39 -13.90 3.13
C LEU A 363 -2.14 -15.20 2.38
N ASN A 364 -0.86 -15.51 2.16
CA ASN A 364 -0.47 -16.76 1.52
C ASN A 364 -1.00 -17.96 2.32
N ASN A 365 -0.77 -17.95 3.63
CA ASN A 365 -1.23 -19.01 4.51
C ASN A 365 -2.75 -19.01 4.69
N VAL A 366 -3.45 -18.21 3.90
CA VAL A 366 -4.90 -18.16 3.91
C VAL A 366 -5.42 -18.77 2.61
N LEU A 367 -4.72 -18.45 1.52
CA LEU A 367 -5.01 -19.05 0.22
C LEU A 367 -4.83 -20.58 0.32
N ASP A 368 -3.82 -21.01 1.05
CA ASP A 368 -3.60 -22.43 1.31
C ASP A 368 -4.77 -23.02 2.09
N GLU A 369 -5.10 -22.40 3.22
CA GLU A 369 -6.22 -22.85 4.05
C GLU A 369 -7.50 -22.92 3.23
N LEU A 370 -7.73 -21.89 2.42
CA LEU A 370 -8.91 -21.82 1.56
C LEU A 370 -8.95 -22.96 0.54
N SER A 371 -7.86 -23.13 -0.21
CA SER A 371 -7.76 -24.18 -1.22
C SER A 371 -8.01 -25.57 -0.63
N HIS A 372 -7.53 -25.78 0.60
CA HIS A 372 -7.72 -27.05 1.29
C HIS A 372 -9.20 -27.31 1.59
N VAL A 373 -9.91 -26.27 2.01
CA VAL A 373 -11.33 -26.36 2.29
C VAL A 373 -12.08 -26.73 1.02
N PHE A 374 -11.68 -26.09 -0.08
CA PHE A 374 -12.32 -26.33 -1.37
C PHE A 374 -12.11 -27.76 -1.86
N ALA A 375 -10.87 -28.22 -1.82
CA ALA A 375 -10.55 -29.58 -2.26
C ALA A 375 -11.27 -30.62 -1.41
N THR A 376 -11.43 -30.32 -0.13
CA THR A 376 -12.05 -31.25 0.81
C THR A 376 -13.57 -31.34 0.58
N SER A 377 -14.10 -30.37 -0.15
CA SER A 377 -15.52 -30.40 -0.50
C SER A 377 -15.81 -31.52 -1.51
N PHE A 378 -14.76 -32.14 -2.03
CA PHE A 378 -14.88 -33.24 -2.97
C PHE A 378 -14.56 -34.58 -2.30
N GLN A 379 -14.01 -34.49 -1.09
CA GLN A 379 -13.61 -35.66 -0.31
C GLN A 379 -14.61 -36.84 -0.28
N PRO A 380 -15.91 -36.59 -0.06
CA PRO A 380 -16.81 -37.74 -0.03
C PRO A 380 -16.93 -38.41 -1.39
N HIS A 381 -17.11 -37.63 -2.45
CA HIS A 381 -17.26 -38.17 -3.80
C HIS A 381 -16.00 -38.90 -4.27
N ILE A 382 -14.84 -38.42 -3.84
CA ILE A 382 -13.58 -39.08 -4.17
C ILE A 382 -13.49 -40.46 -3.52
N GLU A 383 -13.79 -40.53 -2.23
CA GLU A 383 -13.81 -41.80 -1.50
C GLU A 383 -14.76 -42.79 -2.17
N GLU A 384 -15.86 -42.27 -2.71
CA GLU A 384 -16.81 -43.12 -3.43
C GLU A 384 -16.20 -43.62 -4.74
N CYS A 385 -15.51 -42.73 -5.45
CA CYS A 385 -14.85 -43.12 -6.69
C CYS A 385 -13.70 -44.09 -6.45
N VAL A 386 -13.03 -43.95 -5.31
CA VAL A 386 -11.90 -44.82 -4.98
C VAL A 386 -12.34 -46.21 -4.48
N ARG A 387 -13.44 -46.27 -3.73
CA ARG A 387 -14.00 -47.57 -3.34
C ARG A 387 -14.51 -48.29 -4.58
N GLN A 388 -15.03 -47.52 -5.52
CA GLN A 388 -15.55 -48.04 -6.76
C GLN A 388 -14.41 -48.60 -7.61
N MET A 389 -13.23 -47.99 -7.52
CA MET A 389 -12.09 -48.44 -8.31
C MET A 389 -11.34 -49.59 -7.64
N GLY A 390 -11.57 -49.78 -6.35
CA GLY A 390 -11.01 -50.93 -5.66
C GLY A 390 -11.83 -52.16 -5.94
N ASP A 391 -13.15 -51.97 -6.07
CA ASP A 391 -14.06 -53.06 -6.40
C ASP A 391 -13.77 -53.59 -7.81
N ILE A 392 -13.63 -52.67 -8.76
CA ILE A 392 -13.33 -53.02 -10.15
C ILE A 392 -12.01 -53.78 -10.24
N LEU A 393 -11.01 -53.31 -9.49
CA LEU A 393 -9.72 -53.97 -9.46
C LEU A 393 -9.81 -55.39 -8.90
N SER A 394 -10.70 -55.59 -7.95
CA SER A 394 -10.85 -56.90 -7.30
C SER A 394 -11.48 -57.90 -8.27
N GLN A 395 -12.06 -57.37 -9.35
CA GLN A 395 -12.68 -58.22 -10.36
C GLN A 395 -11.77 -58.43 -11.56
N VAL A 396 -10.52 -57.99 -11.44
CA VAL A 396 -9.53 -58.19 -12.50
C VAL A 396 -8.97 -59.62 -12.48
N LYS A 397 -9.19 -60.34 -13.58
CA LYS A 397 -8.83 -61.75 -13.71
C LYS A 397 -7.96 -61.95 -14.93
N GLY A 398 -7.15 -63.01 -14.93
CA GLY A 398 -6.49 -63.44 -16.15
C GLY A 398 -7.46 -64.30 -16.93
N THR A 399 -7.54 -64.09 -18.24
CA THR A 399 -8.44 -64.86 -19.08
C THR A 399 -7.70 -65.48 -20.27
N GLY A 400 -6.86 -66.48 -19.97
CA GLY A 400 -6.05 -67.12 -20.97
C GLY A 400 -6.82 -67.86 -22.05
N ASN A 401 -7.25 -69.08 -21.73
CA ASN A 401 -7.96 -69.94 -22.70
C ASN A 401 -9.38 -69.43 -23.03
N VAL A 402 -9.44 -68.23 -23.60
CA VAL A 402 -10.69 -67.54 -23.91
C VAL A 402 -10.46 -66.73 -25.19
N PRO A 403 -11.45 -66.72 -26.11
CA PRO A 403 -11.37 -66.01 -27.39
C PRO A 403 -10.73 -64.61 -27.30
N ALA A 404 -9.94 -64.24 -28.30
CA ALA A 404 -9.10 -63.04 -28.24
C ALA A 404 -9.87 -61.71 -28.24
N SER A 405 -11.14 -61.76 -28.61
CA SER A 405 -11.98 -60.57 -28.62
C SER A 405 -12.63 -60.35 -27.25
N ALA A 406 -12.78 -61.45 -26.50
CA ALA A 406 -13.40 -61.40 -25.17
C ALA A 406 -12.38 -61.12 -24.08
N CYS A 407 -11.12 -60.98 -24.49
CA CYS A 407 -10.05 -60.74 -23.54
C CYS A 407 -9.95 -59.26 -23.17
N SER A 408 -9.88 -58.98 -21.87
CA SER A 408 -9.73 -57.61 -21.40
C SER A 408 -8.26 -57.38 -21.05
N SER A 409 -7.62 -56.44 -21.74
CA SER A 409 -6.20 -56.18 -21.53
C SER A 409 -5.95 -55.39 -20.26
N VAL A 410 -4.69 -55.39 -19.81
CA VAL A 410 -4.27 -54.61 -18.65
C VAL A 410 -4.62 -53.13 -18.85
N ALA A 411 -4.35 -52.64 -20.06
CA ALA A 411 -4.63 -51.26 -20.41
C ALA A 411 -6.12 -50.94 -20.33
N GLN A 412 -6.94 -51.79 -20.93
CA GLN A 412 -8.39 -51.62 -20.88
C GLN A 412 -8.89 -51.66 -19.44
N ASP A 413 -8.31 -52.55 -18.63
CA ASP A 413 -8.72 -52.70 -17.24
C ASP A 413 -8.36 -51.47 -16.42
N ALA A 414 -7.17 -50.92 -16.64
CA ALA A 414 -6.74 -49.72 -15.95
C ALA A 414 -7.68 -48.54 -16.27
N ASP A 415 -8.14 -48.47 -17.51
CA ASP A 415 -9.08 -47.43 -17.92
C ASP A 415 -10.37 -47.54 -17.11
N ASN A 416 -10.82 -48.78 -16.92
CA ASN A 416 -12.07 -49.04 -16.21
C ASN A 416 -11.97 -48.72 -14.73
N VAL A 417 -10.78 -48.89 -14.17
CA VAL A 417 -10.53 -48.55 -12.77
C VAL A 417 -10.58 -47.04 -12.57
N LEU A 418 -9.94 -46.29 -13.47
CA LEU A 418 -9.88 -44.83 -13.37
C LEU A 418 -11.15 -44.12 -13.81
N GLN A 419 -12.01 -44.82 -14.55
CA GLN A 419 -13.21 -44.19 -15.11
C GLN A 419 -14.14 -43.50 -14.10
N PRO A 420 -14.36 -44.12 -12.92
CA PRO A 420 -15.17 -43.39 -11.93
C PRO A 420 -14.56 -42.05 -11.51
N ILE A 421 -13.30 -42.03 -11.10
CA ILE A 421 -12.68 -40.80 -10.61
C ILE A 421 -12.44 -39.76 -11.71
N MET A 422 -12.32 -40.23 -12.95
CA MET A 422 -12.13 -39.31 -14.07
C MET A 422 -13.43 -38.62 -14.42
N ASP A 423 -14.55 -39.34 -14.36
CA ASP A 423 -15.85 -38.76 -14.61
C ASP A 423 -16.13 -37.64 -13.60
N LEU A 424 -15.67 -37.85 -12.37
CA LEU A 424 -15.81 -36.86 -11.31
C LEU A 424 -15.00 -35.59 -11.62
N LEU A 425 -13.69 -35.77 -11.79
CA LEU A 425 -12.77 -34.64 -11.92
C LEU A 425 -12.83 -33.90 -13.26
N ASP A 426 -13.14 -34.62 -14.33
CA ASP A 426 -13.13 -34.06 -15.69
C ASP A 426 -13.86 -32.73 -15.83
N SER A 427 -15.16 -32.74 -15.62
CA SER A 427 -15.92 -31.51 -15.78
C SER A 427 -15.36 -30.46 -14.87
N ASN A 428 -14.68 -30.88 -13.81
CA ASN A 428 -14.14 -29.94 -12.86
C ASN A 428 -12.82 -29.36 -13.27
N LEU A 429 -11.74 -30.09 -13.08
CA LEU A 429 -10.46 -29.58 -13.50
C LEU A 429 -10.70 -28.68 -14.68
N THR A 430 -11.58 -29.09 -15.55
CA THR A 430 -11.78 -28.36 -16.77
C THR A 430 -12.36 -27.00 -16.47
N LEU A 431 -13.31 -26.96 -15.56
CA LEU A 431 -13.94 -25.72 -15.18
C LEU A 431 -12.95 -24.79 -14.54
N PHE A 432 -12.18 -25.30 -13.61
CA PHE A 432 -11.13 -24.50 -13.03
C PHE A 432 -10.22 -24.05 -14.14
N ALA A 433 -8.95 -23.93 -13.85
CA ALA A 433 -7.99 -23.62 -14.93
C ALA A 433 -8.53 -22.61 -15.94
N LYS A 434 -9.82 -22.73 -16.27
CA LYS A 434 -10.51 -21.77 -17.10
C LYS A 434 -10.85 -20.51 -16.30
N ILE A 435 -11.06 -20.66 -14.99
CA ILE A 435 -11.47 -19.52 -14.16
C ILE A 435 -10.59 -19.27 -12.93
N CYS A 436 -9.47 -19.98 -12.84
CA CYS A 436 -8.55 -19.76 -11.72
C CYS A 436 -7.24 -19.13 -12.20
N GLU A 437 -6.66 -18.25 -11.38
CA GLU A 437 -5.30 -17.79 -11.60
C GLU A 437 -4.39 -19.02 -11.50
N LYS A 438 -3.25 -18.98 -12.19
CA LYS A 438 -2.29 -20.08 -12.16
C LYS A 438 -2.08 -20.64 -10.75
N THR A 439 -1.68 -19.76 -9.84
CA THR A 439 -1.44 -20.12 -8.44
C THR A 439 -2.64 -20.79 -7.79
N VAL A 440 -3.83 -20.23 -7.99
CA VAL A 440 -5.05 -20.80 -7.42
C VAL A 440 -5.27 -22.22 -7.96
N LEU A 441 -5.16 -22.39 -9.27
CA LEU A 441 -5.29 -23.69 -9.89
C LEU A 441 -4.25 -24.69 -9.36
N LYS A 442 -2.99 -24.25 -9.31
CA LYS A 442 -1.92 -25.12 -8.83
C LYS A 442 -2.16 -25.56 -7.39
N ARG A 443 -2.67 -24.65 -6.57
CA ARG A 443 -2.96 -24.95 -5.17
C ARG A 443 -4.06 -26.00 -5.04
N VAL A 444 -5.12 -25.83 -5.83
CA VAL A 444 -6.24 -26.75 -5.81
C VAL A 444 -5.83 -28.14 -6.30
N LEU A 445 -5.08 -28.19 -7.40
CA LEU A 445 -4.59 -29.44 -7.94
C LEU A 445 -3.68 -30.17 -6.96
N LYS A 446 -2.73 -29.45 -6.37
CA LYS A 446 -1.82 -30.02 -5.37
C LYS A 446 -2.61 -30.63 -4.22
N GLU A 447 -3.74 -30.01 -3.91
CA GLU A 447 -4.56 -30.42 -2.79
C GLU A 447 -5.43 -31.62 -3.17
N LEU A 448 -6.07 -31.53 -4.34
CA LEU A 448 -6.85 -32.65 -4.88
C LEU A 448 -5.94 -33.87 -5.09
N TRP A 449 -4.70 -33.61 -5.49
CA TRP A 449 -3.71 -34.67 -5.66
C TRP A 449 -3.50 -35.44 -4.36
N LYS A 450 -3.17 -34.71 -3.30
CA LYS A 450 -2.93 -35.31 -1.99
C LYS A 450 -4.15 -36.11 -1.54
N LEU A 451 -5.33 -35.61 -1.88
CA LEU A 451 -6.57 -36.24 -1.46
C LEU A 451 -6.80 -37.58 -2.16
N VAL A 452 -6.53 -37.62 -3.48
CA VAL A 452 -6.67 -38.85 -4.24
C VAL A 452 -5.66 -39.90 -3.79
N MET A 453 -4.40 -39.50 -3.66
CA MET A 453 -3.35 -40.41 -3.23
C MET A 453 -3.64 -41.00 -1.85
N ASN A 454 -4.06 -40.14 -0.92
CA ASN A 454 -4.39 -40.59 0.44
C ASN A 454 -5.56 -41.57 0.47
N THR A 455 -6.64 -41.24 -0.23
CA THR A 455 -7.82 -42.10 -0.27
C THR A 455 -7.48 -43.47 -0.86
N MET A 456 -6.73 -43.48 -1.96
CA MET A 456 -6.24 -44.72 -2.54
C MET A 456 -5.41 -45.53 -1.55
N GLU A 457 -4.54 -44.86 -0.80
CA GLU A 457 -3.71 -45.54 0.20
C GLU A 457 -4.56 -46.16 1.32
N ARG A 458 -5.73 -45.57 1.57
CA ARG A 458 -6.60 -46.04 2.66
C ARG A 458 -7.89 -46.71 2.19
N THR A 459 -7.86 -47.34 1.03
CA THR A 459 -9.05 -48.00 0.49
C THR A 459 -8.73 -49.29 -0.26
N ILE A 460 -7.88 -49.19 -1.27
CA ILE A 460 -7.55 -50.34 -2.11
C ILE A 460 -6.32 -51.07 -1.58
N VAL A 461 -5.67 -50.50 -0.59
CA VAL A 461 -4.37 -51.00 -0.16
C VAL A 461 -4.14 -50.79 1.36
N LEU A 462 -5.23 -50.83 2.12
CA LEU A 462 -5.15 -50.80 3.58
C LEU A 462 -4.30 -51.98 4.04
N PRO A 463 -3.35 -51.73 4.96
CA PRO A 463 -2.44 -52.78 5.42
C PRO A 463 -3.20 -53.92 6.09
N PRO A 464 -2.58 -55.10 6.15
CA PRO A 464 -3.21 -56.21 6.87
C PRO A 464 -3.36 -55.85 8.35
N GLU A 465 -4.40 -56.36 8.98
CA GLU A 465 -4.71 -56.00 10.37
C GLU A 465 -3.82 -56.73 11.37
N PHE A 466 -3.79 -56.21 12.60
CA PHE A 466 -3.12 -56.91 13.69
C PHE A 466 -4.04 -57.99 14.24
N SER A 467 -3.44 -59.07 14.74
CA SER A 467 -4.20 -60.10 15.46
C SER A 467 -3.26 -60.69 16.51
N LYS A 468 -3.82 -61.29 17.55
CA LYS A 468 -2.97 -61.85 18.59
C LYS A 468 -2.31 -63.13 18.07
N LEU A 469 -0.99 -63.11 17.94
CA LEU A 469 -0.26 -64.29 17.51
C LEU A 469 0.59 -64.82 18.67
N LYS A 470 0.23 -66.01 19.15
CA LYS A 470 0.86 -66.64 20.31
C LYS A 470 0.68 -65.86 21.61
N ASP A 471 1.05 -64.58 21.62
CA ASP A 471 0.96 -63.80 22.85
C ASP A 471 1.01 -62.27 22.68
N HIS A 472 1.54 -61.77 21.57
CA HIS A 472 1.88 -60.35 21.53
C HIS A 472 1.45 -59.53 20.30
N MET A 473 0.35 -59.93 19.65
CA MET A 473 -0.27 -59.09 18.62
C MET A 473 0.65 -58.72 17.45
N VAL A 474 0.72 -59.56 16.43
CA VAL A 474 1.54 -59.24 15.27
C VAL A 474 0.68 -58.90 14.06
N ARG A 475 1.27 -58.20 13.09
CA ARG A 475 0.54 -57.83 11.89
C ARG A 475 0.46 -59.04 10.95
N GLU A 476 -0.70 -59.26 10.35
CA GLU A 476 -0.92 -60.42 9.50
C GLU A 476 -0.21 -60.28 8.16
N GLU A 477 -0.10 -61.39 7.43
CA GLU A 477 0.51 -61.36 6.10
C GLU A 477 -0.44 -60.69 5.12
N ALA A 478 0.12 -59.84 4.24
CA ALA A 478 -0.69 -59.20 3.22
C ALA A 478 -1.12 -60.22 2.18
N LYS A 479 -2.35 -60.10 1.69
CA LYS A 479 -2.83 -60.95 0.62
C LYS A 479 -2.42 -60.36 -0.72
N SER A 480 -1.36 -60.91 -1.32
CA SER A 480 -0.79 -60.40 -2.57
C SER A 480 -1.83 -60.26 -3.69
N LEU A 481 -1.72 -59.17 -4.46
CA LEU A 481 -2.53 -59.03 -5.66
C LEU A 481 -2.02 -60.02 -6.71
N THR A 482 -2.89 -60.40 -7.64
CA THR A 482 -2.45 -61.26 -8.75
C THR A 482 -1.58 -60.44 -9.70
N PRO A 483 -0.75 -61.12 -10.51
CA PRO A 483 0.14 -60.42 -11.46
C PRO A 483 -0.62 -59.43 -12.33
N LYS A 484 -1.77 -59.85 -12.88
CA LYS A 484 -2.57 -58.94 -13.69
C LYS A 484 -3.08 -57.77 -12.85
N GLN A 485 -3.44 -58.05 -11.61
CA GLN A 485 -3.88 -56.97 -10.71
C GLN A 485 -2.76 -55.97 -10.44
N CYS A 486 -1.58 -56.45 -10.07
CA CYS A 486 -0.40 -55.61 -9.89
C CYS A 486 -0.21 -54.66 -11.06
N ALA A 487 -0.20 -55.23 -12.26
CA ALA A 487 0.04 -54.47 -13.48
C ALA A 487 -1.02 -53.39 -13.70
N VAL A 488 -2.29 -53.74 -13.46
CA VAL A 488 -3.38 -52.79 -13.63
C VAL A 488 -3.25 -51.64 -12.63
N VAL A 489 -2.90 -51.95 -11.38
CA VAL A 489 -2.64 -50.92 -10.37
C VAL A 489 -1.54 -49.95 -10.82
N GLU A 490 -0.36 -50.51 -11.08
CA GLU A 490 0.80 -49.75 -11.55
C GLU A 490 0.43 -48.76 -12.65
N LEU A 491 -0.20 -49.28 -13.70
CA LEU A 491 -0.53 -48.51 -14.88
C LEU A 491 -1.57 -47.43 -14.57
N ALA A 492 -2.60 -47.81 -13.82
CA ALA A 492 -3.62 -46.85 -13.41
C ALA A 492 -3.00 -45.71 -12.63
N LEU A 493 -2.10 -46.06 -11.70
CA LEU A 493 -1.38 -45.10 -10.89
C LEU A 493 -0.56 -44.16 -11.76
N ASP A 494 0.22 -44.74 -12.68
CA ASP A 494 1.06 -43.96 -13.59
C ASP A 494 0.21 -43.04 -14.46
N THR A 495 -1.01 -43.47 -14.75
CA THR A 495 -1.93 -42.69 -15.58
C THR A 495 -2.50 -41.47 -14.86
N ILE A 496 -2.90 -41.66 -13.59
CA ILE A 496 -3.38 -40.55 -12.77
C ILE A 496 -2.32 -39.46 -12.69
N LYS A 497 -1.06 -39.87 -12.56
CA LYS A 497 0.05 -38.93 -12.50
C LYS A 497 0.09 -38.04 -13.74
N GLN A 498 0.00 -38.67 -14.93
CA GLN A 498 -0.05 -37.93 -16.19
C GLN A 498 -1.29 -37.06 -16.29
N TYR A 499 -2.37 -37.54 -15.69
CA TYR A 499 -3.65 -36.85 -15.70
C TYR A 499 -3.59 -35.57 -14.88
N PHE A 500 -2.72 -35.55 -13.87
CA PHE A 500 -2.54 -34.36 -13.03
C PHE A 500 -1.45 -33.45 -13.56
N HIS A 501 -0.53 -34.02 -14.33
CA HIS A 501 0.45 -33.20 -15.04
C HIS A 501 -0.26 -32.43 -16.14
N ALA A 502 -1.17 -33.13 -16.82
CA ALA A 502 -1.97 -32.56 -17.90
C ALA A 502 -1.13 -31.91 -19.01
N GLY A 503 -0.01 -32.55 -19.34
CA GLY A 503 0.83 -32.09 -20.45
C GLY A 503 1.37 -30.69 -20.29
N GLY A 504 1.41 -30.19 -19.05
CA GLY A 504 2.00 -28.89 -18.79
C GLY A 504 1.03 -27.77 -18.48
N VAL A 505 -0.07 -28.12 -17.82
CA VAL A 505 -0.95 -27.10 -17.24
C VAL A 505 -1.22 -27.44 -15.78
N GLY A 506 -1.21 -28.74 -15.48
CA GLY A 506 -1.35 -29.20 -14.11
C GLY A 506 -0.03 -29.14 -13.36
N LEU A 507 0.11 -30.01 -12.36
CA LEU A 507 1.33 -30.04 -11.57
C LEU A 507 2.52 -30.45 -12.43
N LYS A 508 3.70 -29.94 -12.08
CA LYS A 508 4.93 -30.29 -12.79
C LYS A 508 5.28 -31.74 -12.49
N LYS A 509 5.95 -32.40 -13.45
CA LYS A 509 6.35 -33.79 -13.28
C LYS A 509 7.34 -33.96 -12.11
N THR A 510 8.19 -32.95 -11.91
CA THR A 510 9.15 -32.98 -10.82
C THR A 510 8.43 -33.01 -9.47
N PHE A 511 7.34 -32.26 -9.35
CA PHE A 511 6.58 -32.19 -8.11
C PHE A 511 5.84 -33.49 -7.80
N LEU A 512 5.18 -34.04 -8.82
CA LEU A 512 4.44 -35.29 -8.67
C LEU A 512 5.37 -36.43 -8.27
N GLU A 513 6.54 -36.50 -8.88
CA GLU A 513 7.50 -37.56 -8.61
C GLU A 513 8.00 -37.55 -7.17
N LYS A 514 8.34 -36.37 -6.67
CA LYS A 514 8.84 -36.23 -5.30
C LYS A 514 7.72 -35.98 -4.29
N SER A 515 6.47 -36.15 -4.71
CA SER A 515 5.33 -36.04 -3.81
C SER A 515 5.41 -37.12 -2.74
N PRO A 516 5.43 -36.72 -1.45
CA PRO A 516 5.52 -37.67 -0.35
C PRO A 516 4.26 -38.52 -0.23
N ASP A 517 3.14 -38.00 -0.75
CA ASP A 517 1.88 -38.73 -0.74
C ASP A 517 1.85 -39.85 -1.78
N LEU A 518 2.57 -39.64 -2.89
CA LEU A 518 2.74 -40.68 -3.90
C LEU A 518 3.70 -41.76 -3.39
N GLN A 519 4.74 -41.34 -2.69
CA GLN A 519 5.74 -42.26 -2.18
C GLN A 519 5.16 -43.18 -1.10
N SER A 520 4.27 -42.65 -0.27
CA SER A 520 3.62 -43.45 0.75
C SER A 520 2.67 -44.46 0.11
N LEU A 521 1.94 -44.03 -0.91
CA LEU A 521 1.03 -44.93 -1.64
C LEU A 521 1.81 -46.04 -2.36
N ARG A 522 2.94 -45.69 -2.95
CA ARG A 522 3.81 -46.68 -3.59
C ARG A 522 4.34 -47.70 -2.59
N TYR A 523 4.71 -47.24 -1.39
CA TYR A 523 5.20 -48.15 -0.36
C TYR A 523 4.09 -49.07 0.12
N ALA A 524 2.89 -48.51 0.31
CA ALA A 524 1.74 -49.29 0.70
C ALA A 524 1.45 -50.35 -0.35
N LEU A 525 1.37 -49.90 -1.60
CA LEU A 525 1.19 -50.78 -2.75
C LEU A 525 2.22 -51.92 -2.78
N SER A 526 3.46 -51.60 -2.42
CA SER A 526 4.57 -52.55 -2.54
C SER A 526 4.35 -53.82 -1.73
N LEU A 527 3.61 -53.70 -0.63
CA LEU A 527 3.27 -54.85 0.22
C LEU A 527 2.43 -55.89 -0.55
N TYR A 528 1.55 -55.41 -1.42
CA TYR A 528 0.62 -56.28 -2.13
C TYR A 528 1.11 -56.64 -3.53
N THR A 529 2.14 -55.94 -3.99
CA THR A 529 2.55 -56.04 -5.38
C THR A 529 3.80 -56.93 -5.54
N GLN A 530 4.05 -57.76 -4.53
CA GLN A 530 5.18 -58.70 -4.51
C GLN A 530 5.35 -59.55 -5.76
N ALA A 531 4.25 -59.87 -6.44
CA ALA A 531 4.27 -60.75 -7.61
C ALA A 531 5.07 -60.22 -8.80
N THR A 532 5.12 -58.90 -8.95
CA THR A 532 5.78 -58.31 -10.11
C THR A 532 6.96 -57.39 -9.77
N ASP A 533 7.11 -57.08 -8.48
CA ASP A 533 8.24 -56.25 -8.04
C ASP A 533 9.58 -56.95 -8.31
N LEU A 534 10.51 -56.22 -8.91
CA LEU A 534 11.83 -56.75 -9.20
C LEU A 534 12.78 -56.61 -8.01
N LEU A 535 13.36 -57.73 -7.60
CA LEU A 535 14.62 -57.70 -6.86
C LEU A 535 15.57 -57.19 -7.93
N ILE A 536 16.63 -56.48 -7.54
CA ILE A 536 17.56 -55.89 -8.52
C ILE A 536 16.86 -55.01 -9.56
N LYS A 537 16.65 -53.73 -9.24
CA LYS A 537 15.95 -52.82 -10.14
C LYS A 537 16.91 -52.02 -11.01
N LYS B 1 -12.16 -37.29 -23.53
CA LYS B 1 -10.90 -36.70 -23.95
C LYS B 1 -10.23 -35.95 -22.80
N TYR B 2 -8.97 -35.57 -23.00
CA TYR B 2 -8.22 -34.84 -21.98
C TYR B 2 -8.95 -33.57 -21.56
N TRP B 3 -9.13 -33.39 -20.26
CA TRP B 3 -9.89 -32.27 -19.73
C TRP B 3 -9.22 -30.92 -19.96
N TRP B 4 -7.96 -30.95 -20.40
CA TRP B 4 -7.16 -29.73 -20.51
C TRP B 4 -6.93 -29.27 -21.95
N LYS B 5 -7.75 -29.75 -22.88
CA LYS B 5 -7.59 -29.41 -24.29
C LYS B 5 -8.60 -28.38 -24.78
N ASN B 6 -9.83 -28.45 -24.27
CA ASN B 6 -10.86 -27.49 -24.63
C ASN B 6 -10.90 -26.28 -23.71
#